data_1MD7
#
_entry.id   1MD7
#
_cell.length_a   167.060
_cell.length_b   167.060
_cell.length_c   43.648
_cell.angle_alpha   90.00
_cell.angle_beta   90.00
_cell.angle_gamma   120.00
#
_symmetry.space_group_name_H-M   'P 64'
#
loop_
_entity.id
_entity.type
_entity.pdbx_description
1 polymer 'C1R COMPLEMENT SERINE PROTEASE'
2 non-polymer 2-acetamido-2-deoxy-beta-D-glucopyranose
3 water water
#
_entity_poly.entity_id   1
_entity_poly.type   'polypeptide(L)'
_entity_poly.pdbx_seq_one_letter_code
;DCGQPRNLPNGDFRYTTTMGVNTYKARIQYYCHEPYYKMQTRAGSRESEQGVYTCTAQGIWKNEQKGEKIPRCLPVCGKP
VNPVEQRQRIIGGQKAKMGNFPWQVFTNIHGRGGGALLGDRWILTAAHTLYPKEHEAQSNASLDVFLGHTNVEELMKLGN
HPIRRVSVHPDYRQDESYNFEGDIALLELENSVTLGPNLLPICLPDNDTFYDLGLMGYVSGFGVMEEKIAHDLRFVRLPV
ANPQACENWLRGKNRMDVFSQNMFCAGHPSLKQDACQGDAGGVFAVRDPNTDRWVATGIVSWGIGCSRGYGFYTKVLNYV
DWIKKEME
;
_entity_poly.pdbx_strand_id   A
#
loop_
_chem_comp.id
_chem_comp.type
_chem_comp.name
_chem_comp.formula
NAG D-saccharide, beta linking 2-acetamido-2-deoxy-beta-D-glucopyranose 'C8 H15 N O6'
#
# COMPACT_ATOMS: atom_id res chain seq x y z
N ASP A 1 -11.14 -13.78 -41.42
CA ASP A 1 -9.91 -13.10 -40.88
C ASP A 1 -10.15 -12.07 -39.77
N CYS A 2 -9.62 -12.34 -38.58
CA CYS A 2 -9.79 -11.45 -37.43
C CYS A 2 -8.90 -10.22 -37.56
N GLY A 3 -8.25 -9.81 -36.48
CA GLY A 3 -7.38 -8.65 -36.61
C GLY A 3 -6.13 -8.77 -35.77
N GLN A 4 -5.57 -7.64 -35.37
CA GLN A 4 -4.40 -7.63 -34.53
C GLN A 4 -4.94 -7.87 -33.12
N PRO A 5 -4.56 -8.98 -32.48
CA PRO A 5 -5.04 -9.25 -31.11
C PRO A 5 -4.98 -7.96 -30.27
N ARG A 6 -5.93 -7.75 -29.37
CA ARG A 6 -5.93 -6.55 -28.53
C ARG A 6 -4.75 -6.60 -27.59
N ASN A 7 -4.29 -5.43 -27.18
CA ASN A 7 -3.17 -5.36 -26.27
C ASN A 7 -3.57 -5.73 -24.86
N LEU A 8 -2.59 -6.21 -24.12
CA LEU A 8 -2.79 -6.59 -22.74
C LEU A 8 -1.70 -5.96 -21.93
N PRO A 9 -1.95 -4.75 -21.40
CA PRO A 9 -0.98 -4.01 -20.60
C PRO A 9 -0.38 -4.84 -19.48
N ASN A 10 0.90 -4.61 -19.19
CA ASN A 10 1.61 -5.33 -18.14
C ASN A 10 1.71 -6.81 -18.49
N GLY A 11 1.41 -7.11 -19.76
CA GLY A 11 1.49 -8.47 -20.26
C GLY A 11 1.61 -8.44 -21.77
N ASP A 12 1.70 -9.61 -22.39
CA ASP A 12 1.81 -9.69 -23.84
C ASP A 12 1.17 -10.98 -24.33
N PHE A 13 1.58 -11.43 -25.51
CA PHE A 13 1.03 -12.65 -26.05
C PHE A 13 1.93 -13.22 -27.13
N ARG A 14 1.85 -14.53 -27.31
CA ARG A 14 2.65 -15.21 -28.30
C ARG A 14 1.67 -15.96 -29.17
N TYR A 15 2.09 -16.29 -30.40
CA TYR A 15 1.23 -17.06 -31.31
C TYR A 15 1.62 -18.52 -31.18
N THR A 16 0.63 -19.39 -31.14
CA THR A 16 0.91 -20.83 -31.08
C THR A 16 0.60 -21.41 -32.46
N THR A 17 0.43 -20.52 -33.43
CA THR A 17 0.12 -20.86 -34.80
C THR A 17 1.03 -20.04 -35.70
N THR A 18 1.15 -20.36 -36.98
CA THR A 18 2.06 -19.59 -37.84
C THR A 18 1.95 -18.16 -37.36
N MET A 19 3.07 -17.53 -37.03
CA MET A 19 2.98 -16.18 -36.53
C MET A 19 2.82 -15.04 -37.49
N GLY A 20 1.81 -14.23 -37.18
CA GLY A 20 1.53 -13.07 -37.98
C GLY A 20 0.38 -13.32 -38.91
N VAL A 21 -0.35 -14.39 -38.66
CA VAL A 21 -1.50 -14.74 -39.49
C VAL A 21 -2.75 -14.80 -38.62
N ASN A 22 -3.45 -13.67 -38.54
CA ASN A 22 -4.64 -13.55 -37.73
C ASN A 22 -5.86 -14.02 -38.49
N THR A 23 -5.67 -15.02 -39.31
CA THR A 23 -6.77 -15.52 -40.10
C THR A 23 -7.50 -16.60 -39.33
N TYR A 24 -8.73 -16.86 -39.75
CA TYR A 24 -9.56 -17.90 -39.14
C TYR A 24 -8.71 -19.04 -38.60
N LYS A 25 -9.14 -19.61 -37.47
CA LYS A 25 -8.45 -20.72 -36.84
C LYS A 25 -7.14 -20.43 -36.12
N ALA A 26 -6.64 -19.19 -36.20
CA ALA A 26 -5.38 -18.85 -35.52
C ALA A 26 -5.55 -19.02 -34.02
N ARG A 27 -4.44 -19.07 -33.30
CA ARG A 27 -4.51 -19.27 -31.86
C ARG A 27 -3.37 -18.63 -31.10
N ILE A 28 -3.68 -17.75 -30.14
CA ILE A 28 -2.65 -17.07 -29.37
C ILE A 28 -2.76 -17.35 -27.87
N GLN A 29 -1.71 -17.00 -27.13
CA GLN A 29 -1.69 -17.19 -25.68
C GLN A 29 -1.17 -15.98 -24.92
N TYR A 30 -1.99 -15.41 -24.04
CA TYR A 30 -1.57 -14.24 -23.26
C TYR A 30 -0.72 -14.66 -22.07
N TYR A 31 0.10 -13.74 -21.58
CA TYR A 31 0.95 -14.06 -20.44
C TYR A 31 1.40 -12.77 -19.77
N CYS A 32 1.13 -12.64 -18.47
CA CYS A 32 1.53 -11.44 -17.76
C CYS A 32 3.03 -11.51 -17.50
N HIS A 33 3.64 -10.35 -17.35
CA HIS A 33 5.07 -10.25 -17.11
C HIS A 33 5.48 -10.76 -15.75
N GLU A 34 6.42 -11.70 -15.73
CA GLU A 34 6.90 -12.24 -14.48
C GLU A 34 8.16 -11.45 -14.13
N PRO A 35 8.48 -11.33 -12.82
CA PRO A 35 7.73 -11.89 -11.70
C PRO A 35 6.76 -10.95 -10.96
N TYR A 36 6.84 -9.65 -11.23
CA TYR A 36 6.00 -8.70 -10.52
C TYR A 36 4.50 -8.64 -10.84
N TYR A 37 4.07 -9.26 -11.93
CA TYR A 37 2.65 -9.26 -12.25
C TYR A 37 2.11 -10.68 -12.43
N LYS A 38 0.79 -10.85 -12.37
CA LYS A 38 0.21 -12.17 -12.52
C LYS A 38 -1.22 -12.14 -12.99
N MET A 39 -1.52 -13.00 -13.96
CA MET A 39 -2.85 -13.06 -14.51
C MET A 39 -3.87 -13.38 -13.42
N GLN A 40 -5.09 -12.91 -13.64
CA GLN A 40 -6.16 -13.10 -12.69
C GLN A 40 -6.77 -14.49 -12.84
N THR A 41 -6.09 -15.49 -12.29
CA THR A 41 -6.54 -16.88 -12.34
C THR A 41 -7.91 -17.05 -11.68
N GLN A 50 -6.02 -20.86 -19.68
CA GLN A 50 -4.79 -20.15 -19.32
C GLN A 50 -4.61 -18.91 -20.20
N GLY A 51 -5.71 -18.23 -20.50
CA GLY A 51 -5.61 -17.05 -21.34
C GLY A 51 -5.25 -17.41 -22.78
N VAL A 52 -6.06 -18.30 -23.36
CA VAL A 52 -5.85 -18.75 -24.73
C VAL A 52 -7.00 -18.26 -25.58
N TYR A 53 -6.70 -17.58 -26.68
CA TYR A 53 -7.77 -17.10 -27.56
C TYR A 53 -7.52 -17.62 -28.97
N THR A 54 -8.60 -17.78 -29.75
CA THR A 54 -8.43 -18.24 -31.11
C THR A 54 -9.44 -17.61 -32.04
N CYS A 55 -8.94 -17.08 -33.16
CA CYS A 55 -9.77 -16.41 -34.17
C CYS A 55 -10.94 -17.25 -34.68
N THR A 56 -12.10 -17.08 -34.07
CA THR A 56 -13.28 -17.83 -34.47
C THR A 56 -13.64 -17.62 -35.94
N ALA A 57 -14.46 -18.53 -36.46
CA ALA A 57 -14.90 -18.49 -37.84
C ALA A 57 -15.66 -17.21 -38.13
N GLN A 58 -16.36 -16.69 -37.12
CA GLN A 58 -17.14 -15.47 -37.23
C GLN A 58 -16.25 -14.30 -37.61
N GLY A 59 -15.17 -14.14 -36.87
CA GLY A 59 -14.26 -13.05 -37.17
C GLY A 59 -13.73 -12.35 -35.95
N ILE A 60 -13.81 -12.99 -34.79
CA ILE A 60 -13.30 -12.36 -33.59
C ILE A 60 -12.53 -13.33 -32.70
N TRP A 61 -11.60 -12.81 -31.91
CA TRP A 61 -10.83 -13.68 -31.05
C TRP A 61 -11.69 -14.03 -29.87
N LYS A 62 -11.55 -15.26 -29.38
CA LYS A 62 -12.35 -15.68 -28.24
C LYS A 62 -11.65 -16.66 -27.31
N ASN A 63 -12.33 -16.93 -26.20
CA ASN A 63 -11.87 -17.84 -25.16
C ASN A 63 -13.15 -18.43 -24.58
N GLU A 64 -13.37 -19.73 -24.80
CA GLU A 64 -14.55 -20.46 -24.35
C GLU A 64 -15.04 -20.22 -22.91
N GLN A 65 -14.61 -19.14 -22.26
CA GLN A 65 -15.05 -18.86 -20.89
C GLN A 65 -15.55 -17.42 -20.69
N LYS A 66 -14.78 -16.45 -21.17
CA LYS A 66 -15.14 -15.04 -21.06
C LYS A 66 -14.96 -14.39 -22.42
N GLY A 67 -14.83 -15.24 -23.44
CA GLY A 67 -14.64 -14.81 -24.80
C GLY A 67 -14.90 -13.37 -25.18
N GLU A 68 -14.10 -12.87 -26.11
CA GLU A 68 -14.20 -11.50 -26.61
C GLU A 68 -13.55 -10.47 -25.70
N LYS A 69 -13.31 -10.81 -24.44
CA LYS A 69 -12.67 -9.86 -23.55
C LYS A 69 -11.33 -10.37 -23.04
N ILE A 70 -10.34 -9.50 -23.17
CA ILE A 70 -8.95 -9.73 -22.78
C ILE A 70 -8.75 -9.92 -21.28
N PRO A 71 -7.82 -10.81 -20.88
CA PRO A 71 -7.58 -11.04 -19.44
C PRO A 71 -7.04 -9.77 -18.77
N ARG A 72 -6.77 -9.85 -17.47
CA ARG A 72 -6.27 -8.69 -16.74
C ARG A 72 -5.06 -9.05 -15.89
N CYS A 73 -3.99 -8.27 -16.03
CA CYS A 73 -2.78 -8.51 -15.25
C CYS A 73 -2.75 -7.63 -14.01
N LEU A 74 -2.36 -8.22 -12.89
CA LEU A 74 -2.29 -7.48 -11.64
C LEU A 74 -0.90 -7.68 -11.08
N PRO A 75 -0.53 -6.89 -10.06
CA PRO A 75 0.79 -7.04 -9.47
C PRO A 75 0.73 -7.91 -8.21
N VAL A 76 1.88 -8.44 -7.80
CA VAL A 76 1.93 -9.27 -6.61
C VAL A 76 2.18 -8.40 -5.39
N CYS A 77 1.23 -8.42 -4.45
CA CYS A 77 1.30 -7.63 -3.23
C CYS A 77 2.13 -8.31 -2.13
N GLY A 78 2.52 -7.52 -1.13
CA GLY A 78 3.29 -8.01 0.00
C GLY A 78 4.11 -9.28 -0.17
N LYS A 79 5.30 -9.14 -0.75
CA LYS A 79 6.17 -10.27 -1.00
C LYS A 79 7.47 -9.74 -1.58
N PRO A 80 8.24 -9.01 -0.77
CA PRO A 80 9.52 -8.42 -1.17
C PRO A 80 10.56 -9.45 -1.53
N VAL A 81 11.67 -8.98 -2.08
CA VAL A 81 12.75 -9.88 -2.44
C VAL A 81 13.86 -9.71 -1.39
N ASN A 82 13.47 -9.17 -0.23
CA ASN A 82 14.40 -8.92 0.87
C ASN A 82 13.79 -8.74 2.27
N PRO A 83 13.05 -9.74 2.76
CA PRO A 83 12.45 -9.61 4.10
C PRO A 83 13.51 -9.58 5.23
N VAL A 84 13.08 -9.80 6.48
CA VAL A 84 13.96 -9.79 7.65
C VAL A 84 13.37 -10.62 8.79
N GLU A 85 14.05 -11.70 9.18
CA GLU A 85 13.57 -12.59 10.27
C GLU A 85 12.05 -12.67 10.32
N ILE A 90 11.60 -11.38 19.46
CA ILE A 90 12.18 -10.33 20.28
C ILE A 90 11.60 -8.96 19.87
N ILE A 91 12.32 -7.88 20.16
CA ILE A 91 11.89 -6.52 19.85
C ILE A 91 13.10 -5.60 19.65
N GLY A 92 12.95 -4.52 18.87
CA GLY A 92 14.06 -3.61 18.64
C GLY A 92 13.73 -2.28 17.97
N GLY A 93 14.76 -1.51 17.64
CA GLY A 93 14.59 -0.22 16.96
C GLY A 93 15.83 0.11 16.13
N GLN A 94 16.05 -0.66 15.06
CA GLN A 94 17.23 -0.46 14.22
C GLN A 94 17.05 0.24 12.86
N LYS A 95 18.04 0.05 11.99
CA LYS A 95 18.09 0.66 10.65
C LYS A 95 17.54 -0.25 9.53
N ALA A 96 17.11 0.36 8.43
CA ALA A 96 16.55 -0.39 7.32
C ALA A 96 17.47 -0.52 6.11
N LYS A 97 17.39 -1.68 5.45
CA LYS A 97 18.22 -1.99 4.29
C LYS A 97 17.36 -2.09 3.02
N MET A 98 17.86 -1.52 1.93
CA MET A 98 17.17 -1.53 0.64
C MET A 98 16.40 -2.83 0.37
N GLY A 99 15.08 -2.77 0.38
CA GLY A 99 14.30 -3.97 0.11
C GLY A 99 13.39 -4.40 1.24
N ASN A 100 13.85 -4.23 2.48
CA ASN A 100 13.04 -4.62 3.64
C ASN A 100 11.63 -4.10 3.54
N PHE A 101 11.49 -2.81 3.27
CA PHE A 101 10.18 -2.19 3.17
C PHE A 101 10.01 -1.55 1.78
N PRO A 102 9.61 -2.35 0.79
CA PRO A 102 9.40 -1.93 -0.59
C PRO A 102 8.16 -1.12 -0.93
N TRP A 103 7.14 -1.23 -0.09
CA TRP A 103 5.90 -0.52 -0.33
C TRP A 103 5.91 0.85 0.35
N GLN A 104 7.06 1.21 0.92
CA GLN A 104 7.22 2.46 1.66
C GLN A 104 7.24 3.72 0.83
N VAL A 105 6.42 4.67 1.25
CA VAL A 105 6.30 5.97 0.61
C VAL A 105 6.67 7.09 1.57
N PHE A 106 7.38 8.08 1.08
CA PHE A 106 7.80 9.22 1.90
C PHE A 106 7.11 10.44 1.30
N THR A 107 6.35 11.20 2.09
CA THR A 107 5.67 12.37 1.54
C THR A 107 6.23 13.67 2.04
N ASN A 108 5.71 14.77 1.50
CA ASN A 108 6.17 16.08 1.91
C ASN A 108 5.09 17.09 1.54
N ILE A 109 3.94 16.97 2.19
CA ILE A 109 2.81 17.84 1.95
C ILE A 109 3.00 18.99 2.94
N HIS A 110 2.41 18.86 4.12
CA HIS A 110 2.53 19.85 5.19
C HIS A 110 3.48 19.23 6.20
N GLY A 111 4.72 19.00 5.77
CA GLY A 111 5.70 18.38 6.66
C GLY A 111 5.94 16.93 6.29
N ARG A 112 6.88 16.28 6.96
CA ARG A 112 7.19 14.89 6.65
C ARG A 112 6.12 13.87 6.98
N GLY A 113 5.80 13.02 6.00
CA GLY A 113 4.79 11.99 6.20
C GLY A 113 5.22 10.65 5.63
N GLY A 114 4.28 9.73 5.54
CA GLY A 114 4.58 8.40 5.02
C GLY A 114 3.35 7.78 4.40
N GLY A 115 3.52 6.65 3.73
CA GLY A 115 2.37 6.01 3.11
C GLY A 115 2.76 4.68 2.51
N ALA A 116 1.79 3.84 2.23
CA ALA A 116 2.09 2.55 1.65
C ALA A 116 1.49 2.42 0.27
N LEU A 117 2.27 1.85 -0.65
CA LEU A 117 1.82 1.65 -2.01
C LEU A 117 0.75 0.56 -2.04
N LEU A 118 -0.27 0.77 -2.86
CA LEU A 118 -1.32 -0.23 -3.01
C LEU A 118 -1.45 -0.48 -4.50
N GLY A 119 -1.36 -1.73 -4.88
CA GLY A 119 -1.46 -2.06 -6.28
C GLY A 119 -0.40 -1.45 -7.18
N ASP A 120 -0.86 -0.89 -8.29
CA ASP A 120 0.00 -0.31 -9.31
C ASP A 120 0.15 1.19 -9.32
N ARG A 121 -0.88 1.90 -8.86
CA ARG A 121 -0.85 3.35 -8.88
C ARG A 121 -1.67 4.06 -7.82
N TRP A 122 -1.64 3.58 -6.58
CA TRP A 122 -2.40 4.23 -5.49
C TRP A 122 -1.56 4.22 -4.25
N ILE A 123 -1.60 5.29 -3.46
CA ILE A 123 -0.82 5.27 -2.24
C ILE A 123 -1.78 5.46 -1.06
N LEU A 124 -1.64 4.61 -0.05
CA LEU A 124 -2.48 4.66 1.14
C LEU A 124 -1.83 5.63 2.12
N THR A 125 -2.66 6.39 2.82
CA THR A 125 -2.14 7.37 3.78
C THR A 125 -3.24 7.89 4.70
N ALA A 126 -2.85 8.46 5.83
CA ALA A 126 -3.81 9.00 6.78
C ALA A 126 -4.27 10.36 6.28
N ALA A 127 -5.54 10.68 6.54
CA ALA A 127 -6.14 11.93 6.09
C ALA A 127 -5.57 13.20 6.70
N HIS A 128 -5.37 13.23 8.01
CA HIS A 128 -4.85 14.44 8.64
C HIS A 128 -3.55 14.93 8.02
N THR A 129 -2.92 14.10 7.20
CA THR A 129 -1.67 14.43 6.54
C THR A 129 -1.86 15.50 5.48
N LEU A 130 -3.00 15.48 4.80
CA LEU A 130 -3.29 16.42 3.72
C LEU A 130 -3.61 17.82 4.18
N TYR A 131 -3.87 18.02 5.46
CA TYR A 131 -4.21 19.35 5.97
C TYR A 131 -3.18 19.87 6.96
N PRO A 132 -3.03 21.19 7.04
CA PRO A 132 -2.05 21.72 7.98
C PRO A 132 -2.50 21.33 9.39
N LYS A 133 -1.56 21.23 10.34
CA LYS A 133 -1.93 20.89 11.70
C LYS A 133 -2.39 22.18 12.36
N GLU A 134 -3.47 22.13 13.14
CA GLU A 134 -3.96 23.33 13.80
C GLU A 134 -2.81 24.10 14.45
N HIS A 135 -3.02 25.38 14.68
CA HIS A 135 -2.00 26.24 15.28
C HIS A 135 -0.91 26.49 14.27
N GLU A 136 -1.18 26.07 13.04
CA GLU A 136 -0.28 26.24 11.92
C GLU A 136 -1.08 27.08 10.94
N ALA A 137 -0.40 27.88 10.13
CA ALA A 137 -1.09 28.74 9.19
C ALA A 137 -1.38 28.07 7.85
N GLN A 138 -2.44 28.52 7.20
CA GLN A 138 -2.86 28.03 5.89
C GLN A 138 -1.78 28.34 4.86
N SER A 139 -1.68 27.54 3.81
CA SER A 139 -0.67 27.84 2.79
C SER A 139 -0.72 27.03 1.49
N ASN A 140 -0.10 27.58 0.43
CA ASN A 140 -0.02 26.88 -0.84
C ASN A 140 0.66 25.66 -0.29
N ALA A 141 0.64 24.55 -1.01
CA ALA A 141 1.31 23.41 -0.44
C ALA A 141 1.23 22.26 -1.38
N SER A 142 2.25 22.10 -2.20
CA SER A 142 2.26 21.01 -3.16
C SER A 142 2.29 19.67 -2.45
N LEU A 143 1.69 18.66 -3.08
CA LEU A 143 1.67 17.31 -2.56
C LEU A 143 2.85 16.52 -3.13
N ASP A 144 3.88 16.29 -2.34
CA ASP A 144 5.02 15.56 -2.85
C ASP A 144 5.14 14.14 -2.33
N VAL A 145 5.15 13.18 -3.27
CA VAL A 145 5.21 11.76 -2.94
C VAL A 145 6.42 11.07 -3.56
N PHE A 146 7.18 10.32 -2.77
CA PHE A 146 8.37 9.63 -3.28
C PHE A 146 8.40 8.16 -2.90
N LEU A 147 9.12 7.35 -3.67
CA LEU A 147 9.23 5.91 -3.39
C LEU A 147 10.46 5.30 -4.04
N GLY A 148 10.85 4.13 -3.56
CA GLY A 148 11.98 3.42 -4.15
C GLY A 148 13.37 3.67 -3.60
N HIS A 149 13.47 3.81 -2.28
CA HIS A 149 14.76 4.01 -1.65
C HIS A 149 14.58 4.21 -0.15
N THR A 150 15.69 4.24 0.57
CA THR A 150 15.64 4.40 2.00
C THR A 150 16.24 5.70 2.50
N ASN A 151 16.96 6.39 1.62
CA ASN A 151 17.56 7.67 2.00
C ASN A 151 16.68 8.82 1.51
N VAL A 152 16.78 9.97 2.17
CA VAL A 152 15.97 11.09 1.77
C VAL A 152 16.46 11.78 0.50
N GLU A 153 17.70 12.24 0.48
CA GLU A 153 18.23 12.92 -0.70
C GLU A 153 18.04 12.07 -1.95
N GLU A 154 18.21 10.75 -1.80
CA GLU A 154 18.04 9.81 -2.91
C GLU A 154 16.60 9.84 -3.41
N LEU A 155 15.66 9.63 -2.50
CA LEU A 155 14.25 9.64 -2.86
C LEU A 155 13.96 10.93 -3.61
N MET A 156 14.70 11.99 -3.29
CA MET A 156 14.50 13.28 -3.95
C MET A 156 15.09 13.23 -5.36
N LYS A 157 16.31 12.73 -5.47
CA LYS A 157 16.99 12.59 -6.76
C LYS A 157 16.03 11.88 -7.71
N LEU A 158 15.44 10.76 -7.25
CA LEU A 158 14.48 9.99 -8.05
C LEU A 158 13.32 10.89 -8.48
N GLY A 159 12.99 11.88 -7.64
CA GLY A 159 11.90 12.79 -7.95
C GLY A 159 10.55 12.32 -7.43
N ASN A 160 9.57 13.22 -7.42
CA ASN A 160 8.22 12.91 -6.93
C ASN A 160 7.32 12.37 -8.03
N HIS A 161 6.18 11.81 -7.64
CA HIS A 161 5.21 11.26 -8.57
C HIS A 161 3.96 12.13 -8.58
N PRO A 162 3.60 12.69 -9.74
CA PRO A 162 2.42 13.55 -9.86
C PRO A 162 1.15 12.83 -9.44
N ILE A 163 0.27 13.53 -8.71
CA ILE A 163 -0.98 12.94 -8.24
C ILE A 163 -2.13 13.33 -9.13
N ARG A 164 -2.98 12.37 -9.50
CA ARG A 164 -4.12 12.68 -10.36
C ARG A 164 -5.26 13.27 -9.55
N ARG A 165 -5.73 12.53 -8.55
CA ARG A 165 -6.82 12.99 -7.69
C ARG A 165 -6.56 12.54 -6.25
N VAL A 166 -7.33 13.07 -5.29
CA VAL A 166 -7.15 12.69 -3.90
C VAL A 166 -8.49 12.42 -3.23
N SER A 167 -8.70 11.17 -2.86
CA SER A 167 -9.93 10.76 -2.20
C SER A 167 -9.71 10.59 -0.70
N VAL A 168 -10.44 11.36 0.11
CA VAL A 168 -10.31 11.26 1.57
C VAL A 168 -11.58 10.65 2.14
N HIS A 169 -11.43 9.73 3.09
CA HIS A 169 -12.60 9.09 3.66
C HIS A 169 -13.68 10.08 4.09
N PRO A 170 -14.94 9.82 3.72
CA PRO A 170 -16.00 10.75 4.09
C PRO A 170 -16.29 10.90 5.58
N ASP A 171 -15.77 9.99 6.41
CA ASP A 171 -16.00 10.09 7.86
C ASP A 171 -15.10 11.11 8.53
N TYR A 172 -13.88 11.26 8.05
CA TYR A 172 -12.96 12.22 8.64
C TYR A 172 -13.65 13.59 8.78
N ARG A 173 -13.28 14.35 9.79
CA ARG A 173 -13.89 15.66 10.00
C ARG A 173 -12.80 16.65 10.36
N GLN A 174 -12.75 17.77 9.65
CA GLN A 174 -11.71 18.75 9.87
C GLN A 174 -11.95 19.65 11.07
N ASP A 175 -13.21 19.98 11.32
CA ASP A 175 -13.52 20.83 12.46
C ASP A 175 -13.45 20.06 13.78
N GLU A 176 -13.57 18.74 13.71
CA GLU A 176 -13.46 17.91 14.90
C GLU A 176 -11.98 17.91 15.25
N SER A 177 -11.64 18.10 16.52
CA SER A 177 -10.24 18.10 16.92
C SER A 177 -9.68 16.75 17.26
N TYR A 178 -10.55 15.76 17.42
CA TYR A 178 -10.10 14.39 17.73
C TYR A 178 -10.79 13.38 16.82
N ASN A 179 -10.10 12.98 15.76
CA ASN A 179 -10.69 12.02 14.85
C ASN A 179 -10.19 10.62 15.13
N PHE A 180 -11.04 9.83 15.79
CA PHE A 180 -10.70 8.44 16.08
C PHE A 180 -11.41 7.58 15.08
N GLU A 181 -11.83 8.19 13.98
CA GLU A 181 -12.52 7.47 12.91
C GLU A 181 -12.37 8.16 11.56
N GLY A 182 -11.99 7.38 10.55
CA GLY A 182 -11.88 7.93 9.21
C GLY A 182 -10.63 8.72 8.89
N ASP A 183 -9.55 8.45 9.61
CA ASP A 183 -8.31 9.17 9.38
C ASP A 183 -7.53 8.38 8.34
N ILE A 184 -8.12 8.23 7.16
CA ILE A 184 -7.52 7.48 6.07
C ILE A 184 -7.80 8.16 4.72
N ALA A 185 -6.86 8.08 3.78
CA ALA A 185 -7.04 8.68 2.46
C ALA A 185 -6.24 7.94 1.41
N LEU A 186 -6.69 8.05 0.15
CA LEU A 186 -6.04 7.42 -0.99
C LEU A 186 -5.64 8.42 -2.05
N LEU A 187 -4.40 8.33 -2.49
CA LEU A 187 -3.93 9.24 -3.52
C LEU A 187 -3.78 8.42 -4.79
N GLU A 188 -4.25 8.94 -5.90
CA GLU A 188 -4.14 8.24 -7.18
C GLU A 188 -3.03 8.83 -8.01
N LEU A 189 -1.92 8.12 -8.13
CA LEU A 189 -0.81 8.64 -8.91
C LEU A 189 -1.31 8.84 -10.33
N GLU A 190 -0.63 9.71 -11.09
CA GLU A 190 -0.99 10.02 -12.47
C GLU A 190 -0.43 9.02 -13.49
N ASN A 191 0.60 8.29 -13.07
CA ASN A 191 1.24 7.27 -13.91
C ASN A 191 1.70 6.16 -13.00
N SER A 192 1.33 4.92 -13.35
CA SER A 192 1.74 3.79 -12.55
C SER A 192 3.24 3.84 -12.36
N VAL A 193 3.76 3.08 -11.41
CA VAL A 193 5.19 3.08 -11.15
C VAL A 193 5.93 1.93 -11.87
N THR A 194 7.25 1.90 -11.71
CA THR A 194 8.07 0.85 -12.31
C THR A 194 8.47 -0.14 -11.23
N LEU A 195 7.66 -1.17 -11.03
CA LEU A 195 7.92 -2.19 -10.00
C LEU A 195 9.31 -2.83 -10.10
N GLY A 196 10.17 -2.54 -9.12
CA GLY A 196 11.49 -3.14 -9.12
C GLY A 196 11.63 -3.93 -7.84
N PRO A 197 12.83 -4.42 -7.52
CA PRO A 197 12.96 -5.18 -6.27
C PRO A 197 12.89 -4.23 -5.06
N ASN A 198 13.02 -2.94 -5.32
CA ASN A 198 12.98 -1.95 -4.26
C ASN A 198 11.63 -1.27 -4.07
N LEU A 199 10.76 -1.41 -5.08
CA LEU A 199 9.46 -0.76 -5.05
C LEU A 199 8.33 -1.73 -5.40
N LEU A 200 7.59 -2.20 -4.39
CA LEU A 200 6.49 -3.14 -4.61
C LEU A 200 5.30 -2.96 -3.64
N PRO A 201 4.11 -3.40 -4.04
CA PRO A 201 2.84 -3.33 -3.29
C PRO A 201 2.79 -4.10 -1.98
N ILE A 202 1.82 -3.74 -1.14
CA ILE A 202 1.59 -4.42 0.14
C ILE A 202 0.15 -4.93 0.07
N CYS A 203 -0.20 -5.97 0.82
CA CYS A 203 -1.55 -6.51 0.74
C CYS A 203 -2.50 -5.91 1.78
N LEU A 204 -3.80 -6.12 1.61
CA LEU A 204 -4.78 -5.62 2.57
C LEU A 204 -5.27 -6.78 3.40
N PRO A 205 -5.67 -6.52 4.66
CA PRO A 205 -6.18 -7.54 5.58
C PRO A 205 -7.64 -7.90 5.32
N ASP A 206 -8.05 -9.06 5.80
CA ASP A 206 -9.43 -9.50 5.62
C ASP A 206 -9.89 -10.29 6.84
N ASN A 207 -8.94 -10.73 7.66
CA ASN A 207 -9.25 -11.50 8.86
C ASN A 207 -9.25 -10.63 10.11
N ASP A 208 -10.40 -10.58 10.79
CA ASP A 208 -10.56 -9.79 12.02
C ASP A 208 -9.51 -10.17 13.05
N THR A 209 -8.94 -11.37 12.89
CA THR A 209 -7.95 -11.91 13.79
C THR A 209 -6.56 -11.34 13.55
N PHE A 210 -6.48 -10.27 12.78
CA PHE A 210 -5.17 -9.67 12.51
C PHE A 210 -4.86 -8.66 13.60
N TYR A 211 -5.89 -8.29 14.33
CA TYR A 211 -5.77 -7.32 15.41
C TYR A 211 -5.83 -8.01 16.77
N ASP A 212 -4.99 -9.04 16.95
CA ASP A 212 -4.96 -9.79 18.20
C ASP A 212 -3.76 -9.50 19.08
N LEU A 213 -4.04 -9.38 20.39
CA LEU A 213 -3.03 -9.11 21.41
C LEU A 213 -1.74 -9.90 21.22
N GLY A 214 -0.62 -9.25 21.50
CA GLY A 214 0.66 -9.91 21.36
C GLY A 214 1.17 -10.03 19.94
N LEU A 215 0.29 -9.91 18.95
CA LEU A 215 0.69 -10.03 17.55
C LEU A 215 1.85 -9.09 17.22
N MET A 216 2.89 -9.62 16.61
CA MET A 216 4.07 -8.81 16.28
C MET A 216 4.15 -8.26 14.86
N GLY A 217 4.17 -6.93 14.74
CA GLY A 217 4.26 -6.29 13.44
C GLY A 217 5.46 -5.38 13.36
N TYR A 218 5.68 -4.77 12.20
CA TYR A 218 6.79 -3.85 12.07
C TYR A 218 6.30 -2.48 11.64
N VAL A 219 6.99 -1.45 12.11
CA VAL A 219 6.67 -0.08 11.77
C VAL A 219 7.98 0.50 11.27
N SER A 220 7.91 1.30 10.21
CA SER A 220 9.10 1.91 9.64
C SER A 220 8.87 3.39 9.40
N GLY A 221 9.94 4.17 9.37
CA GLY A 221 9.78 5.58 9.12
C GLY A 221 11.08 6.33 9.32
N PHE A 222 11.10 7.61 8.95
CA PHE A 222 12.31 8.41 9.13
C PHE A 222 12.15 9.19 10.43
N GLY A 223 13.18 9.15 11.26
CA GLY A 223 13.18 9.86 12.53
C GLY A 223 11.84 9.92 13.22
N ALA A 230 17.19 13.53 10.38
CA ALA A 230 16.35 12.43 9.88
C ALA A 230 16.70 12.12 8.43
N HIS A 231 17.61 11.17 8.21
CA HIS A 231 18.01 10.82 6.84
C HIS A 231 17.76 9.41 6.36
N ASP A 232 18.14 8.42 7.16
CA ASP A 232 17.95 7.04 6.76
C ASP A 232 16.80 6.32 7.44
N LEU A 233 15.87 5.85 6.64
CA LEU A 233 14.69 5.12 7.10
C LEU A 233 14.97 4.00 8.14
N ARG A 234 14.31 4.06 9.30
CA ARG A 234 14.49 3.06 10.35
C ARG A 234 13.22 2.26 10.57
N PHE A 235 13.25 1.29 11.48
CA PHE A 235 12.06 0.49 11.75
C PHE A 235 12.02 -0.14 13.14
N VAL A 236 10.85 -0.64 13.53
CA VAL A 236 10.67 -1.21 14.84
C VAL A 236 9.77 -2.44 14.80
N ARG A 237 10.00 -3.38 15.71
CA ARG A 237 9.19 -4.59 15.77
C ARG A 237 8.40 -4.58 17.05
N LEU A 238 7.18 -4.06 17.01
CA LEU A 238 6.37 -3.98 18.21
C LEU A 238 5.13 -4.87 18.21
N PRO A 239 4.66 -5.23 19.41
CA PRO A 239 3.48 -6.08 19.61
C PRO A 239 2.22 -5.26 19.79
N VAL A 240 1.10 -5.87 19.42
CA VAL A 240 -0.20 -5.22 19.55
C VAL A 240 -0.54 -5.23 21.03
N ALA A 241 -0.83 -4.06 21.57
CA ALA A 241 -1.14 -3.94 22.98
C ALA A 241 -2.61 -3.89 23.25
N ASN A 242 -2.94 -3.70 24.53
CA ASN A 242 -4.32 -3.63 24.98
C ASN A 242 -4.78 -2.19 24.85
N PRO A 243 -6.01 -1.96 24.35
CA PRO A 243 -6.54 -0.60 24.19
C PRO A 243 -6.39 0.30 25.41
N GLN A 244 -6.16 -0.30 26.57
CA GLN A 244 -5.99 0.44 27.82
C GLN A 244 -4.63 1.18 27.81
N ALA A 245 -3.61 0.52 27.29
CA ALA A 245 -2.27 1.08 27.20
C ALA A 245 -2.25 2.51 26.64
N CYS A 246 -3.14 2.77 25.68
CA CYS A 246 -3.25 4.07 25.04
C CYS A 246 -4.41 4.79 25.70
N GLU A 247 -4.28 5.16 26.97
CA GLU A 247 -5.40 5.82 27.63
C GLU A 247 -5.21 7.31 27.81
N ASN A 248 -3.97 7.71 28.01
CA ASN A 248 -3.68 9.12 28.23
C ASN A 248 -3.95 9.96 26.99
N TRP A 249 -4.04 9.31 25.84
CA TRP A 249 -4.28 10.05 24.61
C TRP A 249 -5.69 10.52 24.45
N LEU A 250 -6.56 10.06 25.34
CA LEU A 250 -7.96 10.43 25.27
C LEU A 250 -8.32 11.52 26.30
N ASP A 257 -13.35 5.62 25.46
CA ASP A 257 -12.44 4.56 25.05
C ASP A 257 -13.11 3.68 24.00
N VAL A 258 -14.03 4.28 23.25
CA VAL A 258 -14.71 3.57 22.19
C VAL A 258 -13.80 3.71 20.98
N PHE A 259 -12.54 3.97 21.29
CA PHE A 259 -11.47 4.12 20.33
C PHE A 259 -11.03 2.71 19.96
N SER A 260 -11.84 1.73 20.35
CA SER A 260 -11.54 0.33 20.09
C SER A 260 -12.16 -0.14 18.77
N GLN A 261 -13.31 0.40 18.44
CA GLN A 261 -14.02 0.01 17.22
C GLN A 261 -13.50 0.64 15.95
N ASN A 262 -12.51 1.52 16.06
CA ASN A 262 -11.95 2.18 14.89
C ASN A 262 -10.43 2.20 14.87
N MET A 263 -9.81 1.76 15.97
CA MET A 263 -8.35 1.79 16.03
C MET A 263 -7.80 0.72 16.93
N PHE A 264 -6.48 0.75 17.10
CA PHE A 264 -5.83 -0.21 17.98
C PHE A 264 -4.52 0.34 18.50
N CYS A 265 -4.19 -0.04 19.74
CA CYS A 265 -2.97 0.39 20.41
C CYS A 265 -1.86 -0.57 20.05
N ALA A 266 -0.61 -0.22 20.35
CA ALA A 266 0.50 -1.11 20.04
C ALA A 266 1.84 -0.55 20.51
N GLY A 267 2.67 -1.40 21.08
CA GLY A 267 3.96 -0.94 21.58
C GLY A 267 4.30 -1.64 22.89
N HIS A 268 5.35 -1.18 23.55
CA HIS A 268 5.75 -1.81 24.80
C HIS A 268 6.57 -0.82 25.62
N PRO A 269 6.30 -0.73 26.94
CA PRO A 269 7.01 0.19 27.83
C PRO A 269 8.52 0.11 27.71
N SER A 270 9.00 -0.90 27.01
CA SER A 270 10.43 -1.07 26.81
C SER A 270 10.96 -0.13 25.72
N LEU A 271 10.27 -0.11 24.58
CA LEU A 271 10.64 0.71 23.42
C LEU A 271 10.98 2.18 23.63
N LYS A 272 10.38 2.79 24.64
CA LYS A 272 10.66 4.21 24.89
C LYS A 272 10.12 5.04 23.72
N GLN A 273 10.88 6.07 23.33
CA GLN A 273 10.50 6.96 22.24
C GLN A 273 10.47 6.27 20.87
N ASP A 274 10.88 5.01 20.82
CA ASP A 274 10.90 4.28 19.56
C ASP A 274 9.58 3.62 19.19
N ALA A 275 8.60 3.70 20.08
CA ALA A 275 7.30 3.12 19.82
C ALA A 275 6.61 3.96 18.76
N CYS A 276 7.13 5.16 18.54
CA CYS A 276 6.60 6.08 17.55
C CYS A 276 7.59 6.21 16.40
N GLN A 277 8.05 5.08 15.89
CA GLN A 277 8.99 5.10 14.79
C GLN A 277 8.27 5.57 13.54
N GLY A 278 7.01 5.15 13.39
CA GLY A 278 6.20 5.54 12.25
C GLY A 278 6.17 7.04 12.03
N ASP A 279 5.86 7.46 10.80
CA ASP A 279 5.82 8.88 10.47
C ASP A 279 4.47 9.57 10.60
N ALA A 280 3.47 9.04 9.91
CA ALA A 280 2.12 9.62 9.91
C ALA A 280 1.57 9.15 8.60
N GLY A 281 0.47 8.43 8.64
CA GLY A 281 -0.06 7.91 7.41
C GLY A 281 0.88 6.82 6.93
N GLY A 282 1.86 6.48 7.75
CA GLY A 282 2.78 5.43 7.41
C GLY A 282 1.98 4.14 7.53
N VAL A 283 2.63 3.00 7.67
CA VAL A 283 1.86 1.77 7.77
C VAL A 283 2.36 0.77 8.83
N PHE A 284 1.44 0.01 9.41
CA PHE A 284 1.76 -1.01 10.41
C PHE A 284 1.73 -2.32 9.63
N ALA A 285 2.90 -2.86 9.30
CA ALA A 285 2.97 -4.07 8.50
C ALA A 285 3.19 -5.37 9.25
N VAL A 286 2.27 -6.31 9.06
CA VAL A 286 2.35 -7.62 9.69
C VAL A 286 2.62 -8.62 8.56
N ARG A 287 3.15 -9.80 8.87
CA ARG A 287 3.38 -10.78 7.82
C ARG A 287 2.67 -12.09 8.14
N ASP A 288 1.57 -12.33 7.42
CA ASP A 288 0.75 -13.54 7.59
C ASP A 288 1.63 -14.78 7.40
N PRO A 289 1.77 -15.61 8.45
CA PRO A 289 2.58 -16.83 8.40
C PRO A 289 2.04 -17.98 7.55
N ASN A 290 0.72 -18.09 7.48
CA ASN A 290 0.09 -19.16 6.71
C ASN A 290 0.28 -18.97 5.20
N THR A 291 0.48 -17.72 4.78
CA THR A 291 0.64 -17.42 3.36
C THR A 291 1.90 -16.60 3.08
N ASP A 292 2.62 -16.27 4.15
CA ASP A 292 3.83 -15.47 4.07
C ASP A 292 3.72 -14.31 3.08
N ARG A 293 2.74 -13.45 3.30
CA ARG A 293 2.52 -12.27 2.48
C ARG A 293 3.04 -11.12 3.33
N TRP A 294 2.26 -10.04 3.37
CA TRP A 294 2.56 -8.84 4.17
C TRP A 294 1.33 -7.97 4.06
N VAL A 295 0.65 -7.72 5.17
CA VAL A 295 -0.54 -6.88 5.09
C VAL A 295 -0.49 -5.63 5.95
N ALA A 296 -1.00 -4.54 5.40
CA ALA A 296 -1.07 -3.28 6.13
C ALA A 296 -2.31 -3.37 7.02
N THR A 297 -2.10 -3.49 8.32
CA THR A 297 -3.23 -3.57 9.25
C THR A 297 -3.59 -2.24 9.87
N GLY A 298 -2.67 -1.28 9.78
CA GLY A 298 -2.93 0.02 10.37
C GLY A 298 -2.23 1.23 9.79
N ILE A 299 -2.77 2.41 10.09
CA ILE A 299 -2.19 3.65 9.60
C ILE A 299 -1.80 4.57 10.74
N VAL A 300 -0.51 4.79 10.93
CA VAL A 300 -0.05 5.70 11.99
C VAL A 300 -0.93 6.94 11.91
N SER A 301 -1.52 7.34 13.04
CA SER A 301 -2.43 8.47 13.03
C SER A 301 -1.85 9.77 13.57
N TRP A 302 -2.72 10.64 14.08
CA TRP A 302 -2.32 11.95 14.60
C TRP A 302 -1.62 12.03 15.94
N GLY A 303 -1.22 10.89 16.50
CA GLY A 303 -0.55 10.93 17.79
C GLY A 303 0.71 11.77 17.73
N ILE A 304 1.30 12.11 18.87
CA ILE A 304 2.53 12.91 18.89
C ILE A 304 3.71 12.42 19.74
N GLY A 305 3.48 11.76 20.87
CA GLY A 305 4.62 11.33 21.66
C GLY A 305 4.59 10.03 22.46
N CYS A 306 5.34 9.03 22.00
CA CYS A 306 5.43 7.76 22.70
C CYS A 306 6.32 7.91 23.93
N SER A 307 5.73 8.38 25.03
CA SER A 307 6.48 8.56 26.26
C SER A 307 6.59 7.23 27.02
N ARG A 308 5.50 6.49 27.05
CA ARG A 308 5.47 5.21 27.74
C ARG A 308 5.83 4.07 26.81
N GLY A 309 5.79 4.33 25.51
CA GLY A 309 6.13 3.30 24.54
C GLY A 309 4.92 2.79 23.81
N TYR A 310 3.85 3.58 23.81
CA TYR A 310 2.65 3.16 23.12
C TYR A 310 2.15 4.18 22.10
N GLY A 311 1.27 3.71 21.22
CA GLY A 311 0.72 4.57 20.19
C GLY A 311 -0.40 3.86 19.46
N PHE A 312 -1.32 4.64 18.90
CA PHE A 312 -2.46 4.07 18.20
C PHE A 312 -2.45 4.25 16.69
N TYR A 313 -2.99 3.24 16.01
CA TYR A 313 -3.06 3.18 14.57
C TYR A 313 -4.52 2.96 14.17
N THR A 314 -4.92 3.34 12.96
CA THR A 314 -6.32 3.16 12.53
C THR A 314 -6.52 1.74 12.00
N LYS A 315 -7.66 1.11 12.32
CA LYS A 315 -7.91 -0.24 11.81
C LYS A 315 -8.24 -0.19 10.32
N VAL A 316 -7.30 -0.64 9.49
CA VAL A 316 -7.46 -0.64 8.04
C VAL A 316 -8.64 -1.50 7.59
N LEU A 317 -8.72 -2.71 8.14
CA LEU A 317 -9.79 -3.64 7.80
C LEU A 317 -11.18 -3.03 7.85
N ASN A 318 -11.42 -2.13 8.78
CA ASN A 318 -12.72 -1.49 8.89
C ASN A 318 -12.97 -0.66 7.64
N TYR A 319 -11.93 -0.39 6.86
CA TYR A 319 -12.06 0.41 5.64
C TYR A 319 -11.75 -0.30 4.32
N VAL A 320 -11.48 -1.60 4.38
CA VAL A 320 -11.14 -2.35 3.18
C VAL A 320 -12.19 -2.23 2.09
N ASP A 321 -13.45 -2.49 2.39
CA ASP A 321 -14.47 -2.38 1.36
C ASP A 321 -14.49 -0.99 0.73
N TRP A 322 -13.92 0.00 1.41
CA TRP A 322 -13.87 1.35 0.89
C TRP A 322 -12.70 1.45 -0.07
N ILE A 323 -11.51 1.14 0.43
CA ILE A 323 -10.27 1.17 -0.34
C ILE A 323 -10.52 0.60 -1.73
N LYS A 324 -11.02 -0.63 -1.77
CA LYS A 324 -11.27 -1.34 -3.03
C LYS A 324 -12.23 -0.65 -4.00
N LYS A 325 -13.34 -0.14 -3.50
CA LYS A 325 -14.31 0.51 -4.39
C LYS A 325 -13.73 1.77 -4.99
N GLU A 326 -12.72 2.35 -4.36
CA GLU A 326 -12.13 3.56 -4.89
C GLU A 326 -11.20 3.21 -6.03
N MET A 327 -10.44 2.14 -5.84
CA MET A 327 -9.49 1.67 -6.84
C MET A 327 -10.15 1.03 -8.04
N GLU A 328 -11.44 0.72 -7.88
CA GLU A 328 -12.22 0.10 -8.94
C GLU A 328 -11.60 -1.23 -9.33
C1 NAG B . 2.57 29.55 -3.42
C2 NAG B . 3.36 30.77 -3.88
C3 NAG B . 3.77 30.63 -5.37
C4 NAG B . 3.99 29.15 -5.76
C5 NAG B . 2.71 28.32 -5.48
C6 NAG B . 3.00 26.93 -4.94
C7 NAG B . 3.04 33.12 -4.25
C8 NAG B . 2.37 33.66 -5.49
N2 NAG B . 2.56 31.97 -3.75
O3 NAG B . 4.94 31.40 -5.65
O4 NAG B . 4.33 29.07 -7.14
O5 NAG B . 1.85 28.99 -4.53
O6 NAG B . 3.72 26.18 -5.91
O7 NAG B . 4.00 33.73 -3.75
#